data_6NSQ
#
_entry.id   6NSQ
#
_cell.length_a   62.543
_cell.length_b   89.393
_cell.length_c   112.982
_cell.angle_alpha   90.000
_cell.angle_beta   90.000
_cell.angle_gamma   90.000
#
_symmetry.space_group_name_H-M   'P 2 21 21'
#
loop_
_entity.id
_entity.type
_entity.pdbx_description
1 polymer 'Serine/threonine-protein kinase B-raf'
2 non-polymer 5-[(4-amino-1-ethyl-1H-pyrazolo[3,4-d]pyrimidin-3-yl)ethynyl]-N-(4-chlorophenyl)-6-methylisoquinolin-1-amine
3 water water
#
_entity_poly.entity_id   1
_entity_poly.type   'polypeptide(L)'
_entity_poly.pdbx_seq_one_letter_code
;GAMDRDSSDDWEIPDGQITVGQRIGSGSFGTVYKGKWHGDVAVKMLNVTAPTPQQLQAFKNEVGVLRKTRHVNILLFMGY
STKPQLAIVTQWCEGSSLYHHLHASETKFEMKKLIDIARQTARGMDYLHAKSIIHRDLKSNNIFLHEDNTVKIGDFGLAT
VKSRWSGSHQFEQLSGSILWMAPEVIRMQDSNPYSFQSDVYAFGIVLYELMTGQLPYSNINNRDQIIEMVGRGSLSPDLS
KVRSNCPKRMKRLMAECLKKKRDERPSFPRILAEIEELARELSG
;
_entity_poly.pdbx_strand_id   B,A
#
loop_
_chem_comp.id
_chem_comp.type
_chem_comp.name
_chem_comp.formula
KZP non-polymer 5-[(4-amino-1-ethyl-1H-pyrazolo[3,4-d]pyrimidin-3-yl)ethynyl]-N-(4-chlorophenyl)-6-methylisoquinolin-1-amine 'C25 H20 Cl N7'
#
# COMPACT_ATOMS: atom_id res chain seq x y z
N SER A 8 -3.91 -8.83 -14.25
CA SER A 8 -2.61 -9.16 -13.67
C SER A 8 -1.90 -10.22 -14.51
N ASP A 9 -0.74 -9.85 -15.06
CA ASP A 9 0.04 -10.77 -15.87
C ASP A 9 1.48 -10.29 -15.91
N ASP A 10 2.39 -11.23 -16.15
CA ASP A 10 3.83 -10.98 -16.24
C ASP A 10 4.35 -10.37 -14.92
N TRP A 11 4.38 -11.22 -13.90
CA TRP A 11 4.83 -10.82 -12.56
C TRP A 11 6.16 -11.45 -12.18
N GLU A 12 6.84 -12.11 -13.13
CA GLU A 12 8.10 -12.77 -12.82
C GLU A 12 9.23 -11.75 -12.71
N ILE A 13 10.04 -11.90 -11.68
CA ILE A 13 11.21 -11.06 -11.45
C ILE A 13 12.43 -11.81 -11.96
N PRO A 14 13.18 -11.27 -12.92
CA PRO A 14 14.38 -11.96 -13.41
C PRO A 14 15.41 -12.16 -12.31
N ASP A 15 16.25 -13.17 -12.50
CA ASP A 15 17.31 -13.44 -11.53
C ASP A 15 18.38 -12.36 -11.60
N GLY A 16 18.94 -12.02 -10.45
CA GLY A 16 19.97 -11.00 -10.36
C GLY A 16 19.47 -9.62 -10.01
N GLN A 17 18.16 -9.39 -10.06
CA GLN A 17 17.60 -8.08 -9.71
C GLN A 17 17.45 -7.90 -8.21
N ILE A 18 17.34 -8.98 -7.45
CA ILE A 18 17.13 -8.92 -6.01
C ILE A 18 18.46 -9.16 -5.31
N THR A 19 18.74 -8.34 -4.29
CA THR A 19 19.92 -8.51 -3.44
C THR A 19 19.45 -9.07 -2.10
N VAL A 20 19.67 -10.36 -1.89
CA VAL A 20 19.22 -11.00 -0.65
C VAL A 20 20.11 -10.57 0.50
N GLY A 21 19.50 -10.39 1.67
CA GLY A 21 20.22 -9.93 2.83
C GLY A 21 20.14 -10.90 4.00
N GLN A 22 20.04 -10.36 5.22
CA GLN A 22 20.04 -11.20 6.42
C GLN A 22 18.86 -12.17 6.40
N ARG A 23 19.16 -13.43 6.72
CA ARG A 23 18.12 -14.45 6.84
C ARG A 23 17.21 -14.12 8.01
N ILE A 24 15.92 -13.91 7.73
CA ILE A 24 14.99 -13.55 8.79
C ILE A 24 14.43 -14.79 9.48
N GLY A 25 14.27 -15.89 8.76
CA GLY A 25 13.82 -17.11 9.43
C GLY A 25 13.29 -18.13 8.45
N SER A 26 12.45 -19.02 8.97
CA SER A 26 11.80 -20.06 8.19
C SER A 26 10.31 -19.75 8.08
N GLY A 27 9.80 -19.76 6.86
CA GLY A 27 8.40 -19.49 6.58
C GLY A 27 7.59 -20.76 6.43
N SER A 28 6.40 -20.60 5.84
CA SER A 28 5.54 -21.76 5.59
C SER A 28 6.28 -22.83 4.80
N PHE A 29 7.04 -22.40 3.78
CA PHE A 29 7.98 -23.29 3.11
C PHE A 29 9.27 -22.52 2.83
N GLY A 30 10.39 -23.23 2.91
CA GLY A 30 11.67 -22.61 2.64
C GLY A 30 12.05 -21.59 3.71
N THR A 31 12.89 -20.63 3.31
CA THR A 31 13.42 -19.62 4.21
C THR A 31 13.08 -18.22 3.70
N VAL A 32 12.99 -17.28 4.64
CA VAL A 32 12.58 -15.91 4.37
C VAL A 32 13.73 -14.98 4.74
N TYR A 33 14.15 -14.18 3.76
CA TYR A 33 15.22 -13.19 3.87
C TYR A 33 14.66 -11.81 3.58
N LYS A 34 15.43 -10.78 3.95
CA LYS A 34 15.15 -9.39 3.58
C LYS A 34 16.02 -9.02 2.38
N GLY A 35 15.38 -8.53 1.31
CA GLY A 35 16.07 -8.24 0.08
C GLY A 35 15.92 -6.77 -0.34
N LYS A 36 16.76 -6.37 -1.28
CA LYS A 36 16.74 -5.03 -1.85
C LYS A 36 16.27 -5.13 -3.30
N TRP A 37 15.10 -4.57 -3.58
CA TRP A 37 14.55 -4.56 -4.94
C TRP A 37 13.61 -3.36 -5.05
N HIS A 38 14.13 -2.24 -5.56
CA HIS A 38 13.38 -0.99 -5.59
C HIS A 38 12.87 -0.62 -4.21
N GLY A 39 13.72 -0.80 -3.21
CA GLY A 39 13.38 -0.64 -1.81
C GLY A 39 13.54 -1.93 -1.07
N ASP A 40 12.99 -1.97 0.15
CA ASP A 40 13.08 -3.13 1.01
C ASP A 40 11.95 -4.10 0.68
N VAL A 41 12.29 -5.38 0.53
CA VAL A 41 11.33 -6.43 0.20
C VAL A 41 11.62 -7.63 1.08
N ALA A 42 10.68 -8.59 1.07
CA ALA A 42 10.86 -9.87 1.74
C ALA A 42 10.79 -10.98 0.70
N VAL A 43 11.79 -11.86 0.71
CA VAL A 43 11.90 -12.96 -0.24
C VAL A 43 11.73 -14.27 0.51
N LYS A 44 10.78 -15.09 0.06
CA LYS A 44 10.57 -16.43 0.59
C LYS A 44 10.98 -17.42 -0.49
N MET A 45 12.10 -18.10 -0.27
CA MET A 45 12.67 -19.01 -1.25
C MET A 45 12.61 -20.45 -0.74
N LEU A 46 12.70 -21.38 -1.68
CA LEU A 46 12.76 -22.80 -1.40
C LEU A 46 14.18 -23.25 -1.74
N ASN A 47 15.00 -23.44 -0.71
CA ASN A 47 16.42 -23.76 -0.91
C ASN A 47 16.55 -25.25 -1.22
N VAL A 48 16.17 -25.61 -2.44
CA VAL A 48 16.35 -26.96 -2.97
C VAL A 48 16.80 -26.84 -4.43
N THR A 49 17.45 -27.90 -4.90
CA THR A 49 17.87 -27.93 -6.30
C THR A 49 16.68 -28.22 -7.21
N ALA A 50 15.93 -29.27 -6.90
CA ALA A 50 14.74 -29.63 -7.66
C ALA A 50 13.55 -29.73 -6.71
N PRO A 51 12.51 -28.94 -6.90
CA PRO A 51 11.36 -28.99 -5.99
C PRO A 51 10.50 -30.23 -6.24
N THR A 52 9.89 -30.70 -5.17
CA THR A 52 9.00 -31.84 -5.25
C THR A 52 7.67 -31.42 -5.87
N PRO A 53 6.88 -32.37 -6.39
CA PRO A 53 5.54 -32.02 -6.88
C PRO A 53 4.69 -31.30 -5.84
N GLN A 54 4.76 -31.74 -4.58
CA GLN A 54 4.03 -31.05 -3.52
C GLN A 54 4.52 -29.61 -3.36
N GLN A 55 5.84 -29.42 -3.34
CA GLN A 55 6.41 -28.08 -3.19
C GLN A 55 6.04 -27.19 -4.36
N LEU A 56 6.15 -27.69 -5.59
CA LEU A 56 5.85 -26.89 -6.76
C LEU A 56 4.37 -26.53 -6.80
N GLN A 57 3.50 -27.48 -6.45
CA GLN A 57 2.07 -27.21 -6.46
C GLN A 57 1.69 -26.21 -5.38
N ALA A 58 2.29 -26.32 -4.19
CA ALA A 58 2.04 -25.35 -3.14
C ALA A 58 2.51 -23.96 -3.55
N PHE A 59 3.70 -23.88 -4.16
CA PHE A 59 4.18 -22.59 -4.68
C PHE A 59 3.22 -21.99 -5.68
N LYS A 60 2.77 -22.80 -6.65
CA LYS A 60 1.88 -22.28 -7.68
C LYS A 60 0.54 -21.84 -7.10
N ASN A 61 0.00 -22.61 -6.17
CA ASN A 61 -1.27 -22.25 -5.55
C ASN A 61 -1.15 -20.95 -4.75
N GLU A 62 -0.09 -20.85 -3.93
CA GLU A 62 0.10 -19.64 -3.14
C GLU A 62 0.31 -18.42 -4.02
N VAL A 63 1.08 -18.57 -5.11
CA VAL A 63 1.32 -17.44 -6.00
C VAL A 63 0.04 -17.03 -6.72
N GLY A 64 -0.76 -18.01 -7.16
CA GLY A 64 -2.01 -17.69 -7.81
C GLY A 64 -3.01 -17.05 -6.88
N VAL A 65 -2.97 -17.39 -5.59
CA VAL A 65 -3.82 -16.72 -4.62
C VAL A 65 -3.32 -15.31 -4.34
N LEU A 66 -2.00 -15.15 -4.27
CA LEU A 66 -1.43 -13.83 -3.97
C LEU A 66 -1.63 -12.85 -5.12
N ARG A 67 -1.64 -13.34 -6.36
CA ARG A 67 -1.79 -12.43 -7.48
C ARG A 67 -3.21 -11.90 -7.63
N LYS A 68 -4.16 -12.37 -6.82
CA LYS A 68 -5.54 -11.89 -6.85
C LYS A 68 -5.85 -10.91 -5.72
N THR A 69 -4.88 -10.59 -4.88
CA THR A 69 -5.11 -9.78 -3.69
C THR A 69 -4.52 -8.39 -3.87
N ARG A 70 -5.36 -7.36 -3.65
CA ARG A 70 -4.96 -5.96 -3.67
C ARG A 70 -5.80 -5.24 -2.60
N HIS A 71 -5.40 -5.41 -1.35
CA HIS A 71 -6.10 -4.80 -0.23
C HIS A 71 -5.09 -4.35 0.82
N VAL A 72 -5.42 -3.25 1.50
CA VAL A 72 -4.49 -2.64 2.45
C VAL A 72 -4.18 -3.61 3.60
N ASN A 73 -5.15 -4.44 3.99
CA ASN A 73 -4.97 -5.34 5.11
C ASN A 73 -4.54 -6.74 4.67
N ILE A 74 -4.03 -6.88 3.44
CA ILE A 74 -3.43 -8.11 2.96
C ILE A 74 -2.00 -7.79 2.56
N LEU A 75 -1.07 -8.67 2.94
CA LEU A 75 0.33 -8.46 2.63
C LEU A 75 0.53 -8.35 1.12
N LEU A 76 1.20 -7.28 0.69
CA LEU A 76 1.28 -6.95 -0.73
C LEU A 76 2.22 -7.91 -1.45
N PHE A 77 1.65 -8.81 -2.24
CA PHE A 77 2.44 -9.60 -3.17
C PHE A 77 3.02 -8.70 -4.26
N MET A 78 4.27 -8.94 -4.63
CA MET A 78 4.94 -8.08 -5.60
C MET A 78 5.54 -8.81 -6.78
N GLY A 79 5.72 -10.13 -6.72
CA GLY A 79 6.31 -10.86 -7.81
C GLY A 79 6.94 -12.14 -7.31
N TYR A 80 7.52 -12.87 -8.27
CA TYR A 80 8.07 -14.18 -7.97
C TYR A 80 9.23 -14.46 -8.91
N SER A 81 10.06 -15.42 -8.51
CA SER A 81 11.13 -15.93 -9.35
C SER A 81 11.10 -17.45 -9.34
N THR A 82 11.44 -18.04 -10.48
CA THR A 82 11.50 -19.49 -10.63
C THR A 82 12.78 -19.99 -11.30
N LYS A 83 13.48 -19.16 -12.08
CA LYS A 83 14.67 -19.64 -12.77
C LYS A 83 15.78 -20.08 -11.81
N PRO A 84 16.22 -19.27 -10.83
CA PRO A 84 17.22 -19.78 -9.89
C PRO A 84 16.61 -20.81 -8.95
N GLN A 85 15.49 -20.45 -8.34
CA GLN A 85 14.73 -21.31 -7.45
C GLN A 85 13.38 -20.68 -7.23
N LEU A 86 12.46 -21.46 -6.67
CA LEU A 86 11.13 -20.94 -6.33
C LEU A 86 11.24 -19.83 -5.29
N ALA A 87 10.63 -18.68 -5.60
CA ALA A 87 10.72 -17.53 -4.73
C ALA A 87 9.44 -16.72 -4.83
N ILE A 88 9.03 -16.14 -3.70
CA ILE A 88 7.87 -15.26 -3.61
C ILE A 88 8.33 -13.96 -2.96
N VAL A 89 7.94 -12.82 -3.56
CA VAL A 89 8.39 -11.51 -3.11
C VAL A 89 7.19 -10.74 -2.56
N THR A 90 7.35 -10.17 -1.38
CA THR A 90 6.32 -9.33 -0.77
C THR A 90 6.96 -8.04 -0.25
N GLN A 91 6.10 -7.10 0.13
CA GLN A 91 6.55 -5.85 0.70
C GLN A 91 7.27 -6.09 2.03
N TRP A 92 8.15 -5.16 2.38
CA TRP A 92 8.84 -5.20 3.66
C TRP A 92 8.05 -4.39 4.68
N CYS A 93 7.67 -5.04 5.78
CA CYS A 93 6.88 -4.41 6.83
C CYS A 93 7.75 -4.18 8.07
N GLU A 94 7.58 -3.02 8.69
CA GLU A 94 8.29 -2.70 9.92
C GLU A 94 7.34 -2.90 11.09
N GLY A 95 7.75 -3.70 12.06
CA GLY A 95 6.94 -3.98 13.22
C GLY A 95 7.07 -5.42 13.64
N SER A 96 6.05 -5.91 14.34
CA SER A 96 6.02 -7.27 14.84
C SER A 96 4.61 -7.83 14.68
N SER A 97 4.51 -9.15 14.83
CA SER A 97 3.22 -9.81 14.75
C SER A 97 2.37 -9.51 15.98
N LEU A 98 1.05 -9.69 15.84
CA LEU A 98 0.14 -9.43 16.95
C LEU A 98 0.42 -10.36 18.13
N TYR A 99 0.79 -11.61 17.84
CA TYR A 99 1.17 -12.53 18.91
C TYR A 99 2.34 -11.99 19.73
N HIS A 100 3.33 -11.41 19.05
CA HIS A 100 4.47 -10.84 19.77
C HIS A 100 4.04 -9.68 20.65
N HIS A 101 3.16 -8.80 20.14
CA HIS A 101 2.71 -7.66 20.92
C HIS A 101 1.87 -8.09 22.12
N LEU A 102 1.12 -9.18 21.99
CA LEU A 102 0.18 -9.57 23.05
C LEU A 102 0.83 -10.47 24.10
N HIS A 103 1.49 -11.55 23.66
CA HIS A 103 1.94 -12.59 24.57
C HIS A 103 3.45 -12.68 24.71
N ALA A 104 4.21 -11.99 23.84
CA ALA A 104 5.67 -12.02 23.92
C ALA A 104 6.28 -10.69 24.33
N SER A 105 5.55 -9.59 24.23
CA SER A 105 6.01 -8.28 24.65
C SER A 105 5.08 -7.73 25.72
N GLU A 106 5.44 -6.57 26.26
CA GLU A 106 4.65 -5.89 27.28
C GLU A 106 3.97 -4.64 26.74
N THR A 107 3.62 -4.64 25.46
CA THR A 107 2.90 -3.52 24.88
C THR A 107 1.49 -3.42 25.46
N LYS A 108 1.14 -2.26 25.99
CA LYS A 108 -0.17 -2.00 26.56
C LYS A 108 -0.93 -1.11 25.57
N PHE A 109 -1.76 -1.73 24.74
CA PHE A 109 -2.52 -0.96 23.77
C PHE A 109 -3.74 -0.31 24.42
N GLU A 110 -4.27 0.70 23.73
CA GLU A 110 -5.54 1.30 24.11
C GLU A 110 -6.69 0.47 23.55
N MET A 111 -7.86 0.59 24.19
CA MET A 111 -9.03 -0.14 23.73
C MET A 111 -9.41 0.25 22.30
N LYS A 112 -9.28 1.53 21.98
CA LYS A 112 -9.51 1.98 20.60
C LYS A 112 -8.57 1.28 19.64
N LYS A 113 -7.32 1.06 20.04
CA LYS A 113 -6.36 0.39 19.18
C LYS A 113 -6.74 -1.07 18.97
N LEU A 114 -7.20 -1.74 20.02
CA LEU A 114 -7.67 -3.11 19.89
C LEU A 114 -8.86 -3.20 18.95
N ILE A 115 -9.83 -2.29 19.11
CA ILE A 115 -11.00 -2.27 18.22
C ILE A 115 -10.56 -2.04 16.78
N ASP A 116 -9.61 -1.12 16.57
CA ASP A 116 -9.16 -0.82 15.21
C ASP A 116 -8.43 -2.01 14.59
N ILE A 117 -7.64 -2.73 15.39
CA ILE A 117 -6.97 -3.92 14.88
C ILE A 117 -7.99 -4.98 14.50
N ALA A 118 -8.98 -5.20 15.36
CA ALA A 118 -10.06 -6.13 15.02
C ALA A 118 -10.78 -5.72 13.75
N ARG A 119 -11.01 -4.41 13.57
CA ARG A 119 -11.72 -3.93 12.39
C ARG A 119 -10.90 -4.15 11.12
N GLN A 120 -9.60 -3.85 11.17
CA GLN A 120 -8.75 -4.07 10.00
C GLN A 120 -8.64 -5.55 9.66
N THR A 121 -8.54 -6.42 10.68
CA THR A 121 -8.51 -7.85 10.42
C THR A 121 -9.83 -8.32 9.81
N ALA A 122 -10.95 -7.80 10.30
CA ALA A 122 -12.25 -8.14 9.71
C ALA A 122 -12.35 -7.68 8.26
N ARG A 123 -11.80 -6.49 7.97
CA ARG A 123 -11.77 -6.01 6.59
C ARG A 123 -10.99 -6.96 5.70
N GLY A 124 -9.78 -7.33 6.12
CA GLY A 124 -8.98 -8.25 5.34
C GLY A 124 -9.67 -9.59 5.12
N MET A 125 -10.27 -10.13 6.17
CA MET A 125 -10.90 -11.44 6.06
C MET A 125 -12.16 -11.38 5.18
N ASP A 126 -12.93 -10.30 5.29
CA ASP A 126 -14.08 -10.14 4.40
C ASP A 126 -13.64 -10.00 2.95
N TYR A 127 -12.53 -9.30 2.72
CA TYR A 127 -11.98 -9.20 1.37
C TYR A 127 -11.62 -10.58 0.84
N LEU A 128 -10.92 -11.37 1.67
CA LEU A 128 -10.52 -12.72 1.23
C LEU A 128 -11.72 -13.61 0.96
N HIS A 129 -12.73 -13.55 1.84
CA HIS A 129 -13.94 -14.35 1.61
C HIS A 129 -14.69 -13.90 0.37
N ALA A 130 -14.63 -12.61 0.04
CA ALA A 130 -15.24 -12.14 -1.20
C ALA A 130 -14.52 -12.69 -2.43
N LYS A 131 -13.25 -13.07 -2.30
CA LYS A 131 -12.50 -13.66 -3.39
C LYS A 131 -12.55 -15.19 -3.38
N SER A 132 -13.43 -15.77 -2.57
CA SER A 132 -13.55 -17.23 -2.42
C SER A 132 -12.22 -17.84 -1.99
N ILE A 133 -11.58 -17.22 -1.01
CA ILE A 133 -10.29 -17.64 -0.50
C ILE A 133 -10.47 -18.03 0.97
N ILE A 134 -10.31 -19.31 1.28
CA ILE A 134 -10.35 -19.81 2.65
C ILE A 134 -8.93 -19.76 3.20
N HIS A 135 -8.72 -18.90 4.21
CA HIS A 135 -7.40 -18.79 4.86
C HIS A 135 -7.36 -19.74 6.04
N ARG A 136 -6.69 -20.88 5.87
CA ARG A 136 -6.48 -21.81 6.96
C ARG A 136 -5.28 -21.38 7.80
N ASP A 137 -5.27 -21.83 9.06
CA ASP A 137 -4.22 -21.49 10.02
C ASP A 137 -4.13 -19.98 10.25
N LEU A 138 -5.27 -19.38 10.61
CA LEU A 138 -5.32 -17.98 11.02
C LEU A 138 -5.07 -17.85 12.52
N LYS A 139 -4.11 -17.01 12.89
CA LYS A 139 -3.78 -16.79 14.30
C LYS A 139 -3.16 -15.40 14.44
N SER A 140 -2.85 -15.04 15.69
CA SER A 140 -2.22 -13.75 15.96
C SER A 140 -0.80 -13.69 15.43
N ASN A 141 -0.14 -14.84 15.25
CA ASN A 141 1.17 -14.86 14.63
C ASN A 141 1.09 -14.47 13.15
N ASN A 142 -0.05 -14.74 12.51
CA ASN A 142 -0.23 -14.46 11.10
C ASN A 142 -0.82 -13.08 10.83
N ILE A 143 -0.90 -12.23 11.86
CA ILE A 143 -1.37 -10.86 11.72
C ILE A 143 -0.22 -9.93 12.08
N PHE A 144 0.38 -9.30 11.08
CA PHE A 144 1.54 -8.46 11.28
C PHE A 144 1.11 -7.00 11.44
N LEU A 145 1.80 -6.27 12.31
CA LEU A 145 1.50 -4.86 12.57
C LEU A 145 2.57 -4.01 11.89
N HIS A 146 2.27 -3.62 10.65
CA HIS A 146 3.13 -2.72 9.90
C HIS A 146 3.16 -1.34 10.55
N GLU A 147 4.35 -0.92 10.97
CA GLU A 147 4.57 0.34 11.69
C GLU A 147 3.72 0.43 12.94
N ASP A 148 3.25 -0.72 13.45
CA ASP A 148 2.38 -0.82 14.62
C ASP A 148 1.04 -0.13 14.41
N ASN A 149 0.70 0.22 13.17
CA ASN A 149 -0.55 0.92 12.90
C ASN A 149 -1.40 0.27 11.82
N THR A 150 -0.83 -0.54 10.93
CA THR A 150 -1.59 -1.13 9.84
C THR A 150 -1.56 -2.65 9.96
N VAL A 151 -2.69 -3.29 9.74
CA VAL A 151 -2.79 -4.75 9.81
C VAL A 151 -2.43 -5.33 8.46
N LYS A 152 -1.56 -6.35 8.46
CA LYS A 152 -1.25 -7.11 7.26
C LYS A 152 -1.48 -8.58 7.55
N ILE A 153 -2.34 -9.21 6.77
CA ILE A 153 -2.69 -10.62 6.92
C ILE A 153 -1.84 -11.46 5.97
N GLY A 154 -1.34 -12.59 6.45
CA GLY A 154 -0.56 -13.47 5.61
C GLY A 154 -0.39 -14.82 6.27
N ASP A 155 0.12 -15.76 5.48
CA ASP A 155 0.42 -17.12 5.94
C ASP A 155 1.91 -17.18 6.30
N PHE A 156 2.22 -16.83 7.54
CA PHE A 156 3.59 -16.86 8.02
C PHE A 156 3.94 -18.25 8.55
N GLY A 157 5.24 -18.45 8.80
CA GLY A 157 5.74 -19.76 9.18
C GLY A 157 5.59 -20.04 10.67
N GLY A 176 0.78 -26.26 17.62
CA GLY A 176 0.84 -24.92 18.18
C GLY A 176 -0.32 -24.04 17.74
N SER A 177 -0.77 -24.23 16.51
CA SER A 177 -1.91 -23.51 15.97
C SER A 177 -3.25 -24.14 16.33
N ILE A 178 -3.25 -25.15 17.20
CA ILE A 178 -4.49 -25.79 17.64
C ILE A 178 -5.39 -24.82 18.40
N LEU A 179 -4.82 -23.79 19.03
CA LEU A 179 -5.61 -22.86 19.82
C LEU A 179 -6.73 -22.22 19.01
N TRP A 180 -6.48 -21.94 17.74
CA TRP A 180 -7.47 -21.31 16.87
C TRP A 180 -8.29 -22.34 16.09
N MET A 181 -7.98 -23.62 16.21
CA MET A 181 -8.69 -24.65 15.45
C MET A 181 -10.12 -24.79 15.93
N ALA A 182 -11.03 -25.03 14.98
CA ALA A 182 -12.45 -25.23 15.19
C ALA A 182 -12.75 -26.69 15.48
N PRO A 183 -13.91 -26.99 16.09
CA PRO A 183 -14.22 -28.40 16.37
C PRO A 183 -14.27 -29.29 15.14
N GLU A 184 -14.82 -28.78 14.02
CA GLU A 184 -14.92 -29.59 12.82
C GLU A 184 -13.56 -29.91 12.22
N VAL A 185 -12.63 -28.94 12.23
CA VAL A 185 -11.30 -29.18 11.67
C VAL A 185 -10.54 -30.22 12.50
N ILE A 186 -10.82 -30.31 13.80
CA ILE A 186 -10.14 -31.29 14.64
C ILE A 186 -10.46 -32.70 14.18
N ARG A 187 -11.72 -32.96 13.84
CA ARG A 187 -12.18 -34.30 13.49
C ARG A 187 -11.46 -34.82 12.26
N PRO A 193 -11.86 -30.07 4.68
CA PRO A 193 -12.79 -29.87 5.79
C PRO A 193 -12.80 -28.42 6.30
N TYR A 194 -11.96 -27.58 5.71
CA TYR A 194 -11.90 -26.18 6.10
C TYR A 194 -13.01 -25.39 5.42
N SER A 195 -13.51 -24.38 6.11
CA SER A 195 -14.62 -23.58 5.59
C SER A 195 -14.47 -22.14 6.07
N PHE A 196 -15.34 -21.28 5.54
CA PHE A 196 -15.42 -19.90 6.03
C PHE A 196 -15.76 -19.85 7.52
N GLN A 197 -16.58 -20.79 8.00
CA GLN A 197 -16.98 -20.76 9.40
C GLN A 197 -15.81 -21.07 10.33
N SER A 198 -14.88 -21.93 9.90
CA SER A 198 -13.68 -22.15 10.69
C SER A 198 -12.85 -20.88 10.78
N ASP A 199 -12.79 -20.11 9.69
CA ASP A 199 -12.10 -18.82 9.73
C ASP A 199 -12.81 -17.84 10.64
N VAL A 200 -14.14 -17.87 10.66
CA VAL A 200 -14.90 -17.03 11.58
C VAL A 200 -14.59 -17.41 13.03
N TYR A 201 -14.47 -18.70 13.31
CA TYR A 201 -14.12 -19.15 14.66
C TYR A 201 -12.71 -18.72 15.04
N ALA A 202 -11.77 -18.82 14.10
CA ALA A 202 -10.42 -18.32 14.35
C ALA A 202 -10.43 -16.83 14.64
N PHE A 203 -11.23 -16.06 13.89
CA PHE A 203 -11.36 -14.63 14.16
C PHE A 203 -11.97 -14.38 15.53
N GLY A 204 -12.90 -15.24 15.95
CA GLY A 204 -13.42 -15.15 17.30
C GLY A 204 -12.34 -15.37 18.36
N ILE A 205 -11.46 -16.34 18.12
CA ILE A 205 -10.35 -16.56 19.05
C ILE A 205 -9.41 -15.36 19.05
N VAL A 206 -9.24 -14.72 17.89
CA VAL A 206 -8.42 -13.51 17.81
C VAL A 206 -9.06 -12.39 18.62
N LEU A 207 -10.38 -12.23 18.50
CA LEU A 207 -11.10 -11.26 19.34
C LEU A 207 -10.91 -11.58 20.82
N TYR A 208 -10.91 -12.87 21.16
CA TYR A 208 -10.71 -13.27 22.55
C TYR A 208 -9.36 -12.83 23.06
N GLU A 209 -8.28 -13.16 22.33
CA GLU A 209 -6.95 -12.76 22.77
C GLU A 209 -6.75 -11.26 22.69
N LEU A 210 -7.55 -10.55 21.90
CA LEU A 210 -7.45 -9.08 21.86
C LEU A 210 -8.11 -8.45 23.07
N MET A 211 -9.29 -8.95 23.47
CA MET A 211 -10.04 -8.33 24.55
C MET A 211 -9.62 -8.81 25.93
N THR A 212 -9.15 -10.05 26.05
CA THR A 212 -8.64 -10.56 27.31
C THR A 212 -7.15 -10.28 27.49
N GLY A 213 -6.36 -10.44 26.43
CA GLY A 213 -4.94 -10.22 26.49
C GLY A 213 -4.11 -11.47 26.63
N GLN A 214 -4.71 -12.65 26.73
CA GLN A 214 -3.99 -13.90 26.93
C GLN A 214 -4.57 -14.97 26.02
N LEU A 215 -3.86 -16.09 25.95
CA LEU A 215 -4.30 -17.23 25.16
C LEU A 215 -5.54 -17.86 25.78
N PRO A 216 -6.33 -18.59 24.99
CA PRO A 216 -7.63 -19.05 25.50
C PRO A 216 -7.56 -20.00 26.69
N TYR A 217 -6.66 -20.98 26.66
CA TYR A 217 -6.64 -22.03 27.69
C TYR A 217 -5.26 -22.06 28.34
N SER A 218 -4.96 -21.04 29.15
CA SER A 218 -3.73 -21.04 29.93
C SER A 218 -3.78 -22.06 31.06
N ASN A 219 -4.94 -22.19 31.69
CA ASN A 219 -5.08 -23.06 32.85
C ASN A 219 -4.92 -24.53 32.48
N ILE A 220 -5.29 -24.91 31.27
CA ILE A 220 -5.13 -26.28 30.81
C ILE A 220 -3.70 -26.47 30.34
N ASN A 221 -3.03 -27.49 30.85
CA ASN A 221 -1.61 -27.69 30.59
C ASN A 221 -1.31 -28.85 29.65
N ASN A 222 -2.12 -29.91 29.65
CA ASN A 222 -1.90 -31.01 28.74
C ASN A 222 -2.35 -30.60 27.34
N ARG A 223 -1.42 -30.67 26.38
CA ARG A 223 -1.74 -30.27 25.02
C ARG A 223 -2.75 -31.21 24.36
N ASP A 224 -2.56 -32.51 24.56
CA ASP A 224 -3.49 -33.49 23.96
C ASP A 224 -4.88 -33.40 24.58
N GLN A 225 -4.96 -33.09 25.88
CA GLN A 225 -6.25 -32.95 26.53
C GLN A 225 -7.08 -31.83 25.90
N ILE A 226 -6.44 -30.70 25.58
CA ILE A 226 -7.16 -29.58 24.99
C ILE A 226 -7.79 -29.98 23.67
N ILE A 227 -7.04 -30.70 22.82
CA ILE A 227 -7.55 -31.12 21.53
C ILE A 227 -8.83 -31.94 21.70
N GLU A 228 -8.74 -33.02 22.46
CA GLU A 228 -9.88 -33.92 22.63
C GLU A 228 -11.05 -33.21 23.28
N MET A 229 -10.78 -32.39 24.30
CA MET A 229 -11.86 -31.73 25.02
C MET A 229 -12.58 -30.72 24.14
N VAL A 230 -11.83 -29.91 23.39
CA VAL A 230 -12.46 -28.90 22.54
C VAL A 230 -13.21 -29.57 21.39
N GLY A 231 -12.61 -30.58 20.77
CA GLY A 231 -13.29 -31.28 19.69
C GLY A 231 -14.56 -31.96 20.16
N ARG A 232 -14.52 -32.58 21.34
CA ARG A 232 -15.72 -33.18 21.91
C ARG A 232 -16.78 -32.12 22.19
N GLY A 233 -16.37 -30.95 22.66
CA GLY A 233 -17.29 -29.87 22.95
C GLY A 233 -17.44 -29.49 24.40
N SER A 234 -16.64 -30.07 25.31
CA SER A 234 -16.75 -29.73 26.72
C SER A 234 -15.97 -28.47 27.06
N LEU A 235 -14.92 -28.17 26.31
CA LEU A 235 -14.06 -27.03 26.60
C LEU A 235 -14.41 -25.87 25.67
N SER A 236 -14.44 -24.66 26.22
CA SER A 236 -14.71 -23.44 25.49
C SER A 236 -14.02 -22.30 26.21
N PRO A 237 -13.67 -21.22 25.51
CA PRO A 237 -12.94 -20.12 26.17
C PRO A 237 -13.76 -19.50 27.29
N ASP A 238 -13.06 -19.11 28.36
CA ASP A 238 -13.69 -18.48 29.51
C ASP A 238 -13.85 -17.00 29.21
N LEU A 239 -15.08 -16.55 29.01
CA LEU A 239 -15.35 -15.17 28.64
C LEU A 239 -15.29 -14.22 29.83
N SER A 240 -15.10 -14.71 31.05
CA SER A 240 -14.89 -13.85 32.20
C SER A 240 -13.54 -13.13 32.15
N LYS A 241 -12.65 -13.53 31.24
CA LYS A 241 -11.33 -12.93 31.14
C LYS A 241 -11.33 -11.61 30.39
N VAL A 242 -12.47 -11.21 29.82
CA VAL A 242 -12.53 -9.95 29.08
C VAL A 242 -12.37 -8.77 30.04
N ARG A 243 -11.82 -7.68 29.51
CA ARG A 243 -11.62 -6.47 30.29
C ARG A 243 -12.95 -5.78 30.58
N SER A 244 -12.96 -4.95 31.62
CA SER A 244 -14.17 -4.25 32.01
C SER A 244 -14.60 -3.24 30.95
N ASN A 245 -13.63 -2.57 30.32
CA ASN A 245 -13.93 -1.56 29.31
C ASN A 245 -14.22 -2.15 27.94
N CYS A 246 -14.20 -3.48 27.80
CA CYS A 246 -14.53 -4.10 26.53
C CYS A 246 -15.97 -3.80 26.15
N PRO A 247 -16.24 -3.37 24.92
CA PRO A 247 -17.62 -3.04 24.54
C PRO A 247 -18.54 -4.24 24.62
N LYS A 248 -19.80 -3.97 24.93
CA LYS A 248 -20.81 -5.03 25.04
C LYS A 248 -21.04 -5.71 23.69
N ARG A 249 -21.25 -4.92 22.63
CA ARG A 249 -21.49 -5.49 21.31
C ARG A 249 -20.29 -6.30 20.83
N MET A 250 -19.08 -5.86 21.15
CA MET A 250 -17.88 -6.60 20.78
C MET A 250 -17.85 -7.97 21.44
N LYS A 251 -18.13 -8.02 22.74
CA LYS A 251 -18.14 -9.29 23.45
C LYS A 251 -19.23 -10.21 22.91
N ARG A 252 -20.41 -9.65 22.61
CA ARG A 252 -21.49 -10.47 22.07
C ARG A 252 -21.13 -11.04 20.71
N LEU A 253 -20.54 -10.21 19.84
CA LEU A 253 -20.09 -10.70 18.54
C LEU A 253 -19.01 -11.76 18.68
N MET A 254 -18.08 -11.57 19.61
CA MET A 254 -17.04 -12.58 19.84
C MET A 254 -17.65 -13.90 20.30
N ALA A 255 -18.66 -13.84 21.17
CA ALA A 255 -19.33 -15.06 21.59
C ALA A 255 -20.09 -15.70 20.45
N GLU A 256 -20.66 -14.89 19.55
CA GLU A 256 -21.38 -15.45 18.41
C GLU A 256 -20.43 -16.10 17.40
N CYS A 257 -19.22 -15.57 17.28
CA CYS A 257 -18.25 -16.17 16.37
C CYS A 257 -17.65 -17.46 16.92
N LEU A 258 -17.66 -17.63 18.25
CA LEU A 258 -17.13 -18.83 18.89
C LEU A 258 -18.21 -19.87 19.16
N LYS A 259 -19.31 -19.85 18.39
CA LYS A 259 -20.36 -20.83 18.56
C LYS A 259 -19.84 -22.23 18.21
N LYS A 260 -20.18 -23.20 19.06
CA LYS A 260 -19.73 -24.57 18.83
C LYS A 260 -20.23 -25.12 17.51
N LYS A 261 -21.46 -24.78 17.14
CA LYS A 261 -22.01 -25.24 15.87
C LYS A 261 -21.39 -24.47 14.71
N ARG A 262 -21.10 -25.20 13.62
CA ARG A 262 -20.45 -24.57 12.48
C ARG A 262 -21.37 -23.56 11.79
N ASP A 263 -22.63 -23.93 11.60
CA ASP A 263 -23.58 -23.10 10.87
C ASP A 263 -24.39 -22.20 11.79
N GLU A 264 -23.84 -21.84 12.95
CA GLU A 264 -24.46 -20.88 13.86
C GLU A 264 -23.68 -19.58 13.94
N ARG A 265 -22.58 -19.46 13.19
CA ARG A 265 -21.72 -18.29 13.20
C ARG A 265 -22.08 -17.36 12.06
N PRO A 266 -22.02 -16.04 12.28
CA PRO A 266 -22.38 -15.09 11.22
C PRO A 266 -21.31 -15.03 10.15
N SER A 267 -21.73 -14.60 8.97
CA SER A 267 -20.79 -14.38 7.88
C SER A 267 -20.00 -13.10 8.13
N PHE A 268 -18.87 -12.98 7.44
CA PHE A 268 -17.94 -11.88 7.68
C PHE A 268 -18.48 -10.50 7.26
N PRO A 269 -19.39 -10.39 6.28
CA PRO A 269 -20.07 -9.10 6.09
C PRO A 269 -20.74 -8.57 7.35
N ARG A 270 -21.55 -9.39 8.03
CA ARG A 270 -22.22 -8.95 9.25
C ARG A 270 -21.20 -8.64 10.34
N ILE A 271 -20.15 -9.43 10.45
CA ILE A 271 -19.12 -9.21 11.46
C ILE A 271 -18.45 -7.85 11.24
N LEU A 272 -18.01 -7.60 10.00
CA LEU A 272 -17.40 -6.33 9.66
C LEU A 272 -18.36 -5.17 9.90
N ALA A 273 -19.64 -5.36 9.57
CA ALA A 273 -20.62 -4.30 9.78
C ALA A 273 -20.76 -3.97 11.26
N GLU A 274 -20.87 -4.98 12.11
CA GLU A 274 -20.98 -4.76 13.54
C GLU A 274 -19.74 -4.06 14.09
N ILE A 275 -18.55 -4.52 13.69
CA ILE A 275 -17.33 -3.94 14.21
C ILE A 275 -17.17 -2.49 13.74
N GLU A 276 -17.51 -2.21 12.49
CA GLU A 276 -17.42 -0.84 11.98
C GLU A 276 -18.43 0.07 12.67
N GLU A 277 -19.65 -0.42 12.89
CA GLU A 277 -20.64 0.39 13.60
C GLU A 277 -20.20 0.67 15.03
N LEU A 278 -19.52 -0.29 15.67
CA LEU A 278 -19.00 -0.06 17.00
C LEU A 278 -17.88 0.98 16.98
N ALA A 279 -16.90 0.81 16.08
CA ALA A 279 -15.74 1.70 16.04
C ALA A 279 -16.13 3.12 15.64
N ARG A 280 -17.09 3.26 14.72
CA ARG A 280 -17.45 4.57 14.19
C ARG A 280 -18.18 5.46 15.19
N GLU A 281 -18.52 4.95 16.38
CA GLU A 281 -19.14 5.76 17.41
C GLU A 281 -18.14 6.25 18.45
N LEU A 282 -16.86 5.96 18.27
CA LEU A 282 -15.82 6.43 19.18
C LEU A 282 -14.86 7.42 18.55
N SER A 283 -14.88 7.56 17.23
CA SER A 283 -14.01 8.50 16.54
C SER A 283 -14.35 9.95 16.91
N ASP B 9 -11.30 -9.59 -18.77
CA ASP B 9 -12.41 -9.12 -17.96
C ASP B 9 -12.15 -9.38 -16.48
N ASP B 10 -10.88 -9.34 -16.09
CA ASP B 10 -10.50 -9.57 -14.71
C ASP B 10 -10.41 -8.25 -13.95
N TRP B 11 -10.32 -8.35 -12.63
CA TRP B 11 -10.25 -7.24 -11.69
C TRP B 11 -11.52 -6.38 -11.68
N GLU B 12 -12.57 -6.82 -12.36
CA GLU B 12 -13.81 -6.05 -12.40
C GLU B 12 -14.58 -6.24 -11.10
N ILE B 13 -15.09 -5.14 -10.56
CA ILE B 13 -15.86 -5.15 -9.32
C ILE B 13 -17.35 -5.11 -9.70
N PRO B 14 -18.15 -6.09 -9.26
CA PRO B 14 -19.58 -6.06 -9.58
C PRO B 14 -20.27 -4.82 -9.03
N ASP B 15 -21.37 -4.44 -9.68
CA ASP B 15 -22.13 -3.27 -9.25
C ASP B 15 -22.86 -3.57 -7.94
N GLY B 16 -22.96 -2.54 -7.09
CA GLY B 16 -23.67 -2.67 -5.83
C GLY B 16 -22.81 -3.01 -4.64
N GLN B 17 -21.55 -3.42 -4.84
CA GLN B 17 -20.69 -3.77 -3.72
C GLN B 17 -20.08 -2.55 -3.05
N ILE B 18 -19.95 -1.43 -3.77
CA ILE B 18 -19.33 -0.22 -3.24
C ILE B 18 -20.43 0.75 -2.84
N THR B 19 -20.27 1.36 -1.67
CA THR B 19 -21.18 2.40 -1.18
C THR B 19 -20.47 3.74 -1.34
N VAL B 20 -20.87 4.51 -2.35
CA VAL B 20 -20.22 5.78 -2.63
C VAL B 20 -20.62 6.79 -1.54
N GLY B 21 -19.65 7.59 -1.11
CA GLY B 21 -19.87 8.54 -0.03
C GLY B 21 -19.60 9.99 -0.38
N GLN B 22 -19.04 10.73 0.57
CA GLN B 22 -18.81 12.15 0.41
C GLN B 22 -17.89 12.43 -0.77
N ARG B 23 -18.26 13.43 -1.57
CA ARG B 23 -17.43 13.84 -2.71
C ARG B 23 -16.13 14.42 -2.20
N ILE B 24 -15.01 13.79 -2.56
CA ILE B 24 -13.71 14.27 -2.11
C ILE B 24 -13.15 15.33 -3.05
N GLY B 25 -13.47 15.27 -4.33
CA GLY B 25 -13.06 16.33 -5.24
C GLY B 25 -13.14 15.89 -6.69
N SER B 26 -12.38 16.58 -7.53
CA SER B 26 -12.29 16.29 -8.94
C SER B 26 -10.93 15.69 -9.26
N GLY B 27 -10.92 14.53 -9.92
CA GLY B 27 -9.70 13.85 -10.28
C GLY B 27 -9.29 14.13 -11.71
N SER B 28 -8.35 13.31 -12.21
CA SER B 28 -7.89 13.44 -13.58
C SER B 28 -9.05 13.38 -14.57
N PHE B 29 -9.99 12.47 -14.36
CA PHE B 29 -11.25 12.47 -15.08
C PHE B 29 -12.37 12.15 -14.10
N GLY B 30 -13.54 12.76 -14.35
CA GLY B 30 -14.68 12.50 -13.50
C GLY B 30 -14.51 13.09 -12.10
N THR B 31 -15.19 12.46 -11.14
CA THR B 31 -15.23 12.90 -9.76
C THR B 31 -14.72 11.81 -8.85
N VAL B 32 -14.16 12.21 -7.71
CA VAL B 32 -13.52 11.31 -6.75
C VAL B 32 -14.28 11.39 -5.44
N TYR B 33 -14.79 10.26 -4.98
CA TYR B 33 -15.50 10.11 -3.72
C TYR B 33 -14.78 9.11 -2.82
N LYS B 34 -15.16 9.13 -1.54
CA LYS B 34 -14.73 8.13 -0.57
C LYS B 34 -15.83 7.09 -0.45
N GLY B 35 -15.49 5.82 -0.66
CA GLY B 35 -16.46 4.75 -0.69
C GLY B 35 -16.17 3.67 0.34
N LYS B 36 -17.19 2.84 0.57
CA LYS B 36 -17.10 1.71 1.49
C LYS B 36 -17.12 0.43 0.67
N TRP B 37 -16.00 -0.30 0.69
CA TRP B 37 -15.90 -1.58 -0.03
C TRP B 37 -14.83 -2.41 0.71
N HIS B 38 -15.29 -3.28 1.60
CA HIS B 38 -14.40 -4.04 2.49
C HIS B 38 -13.45 -3.09 3.24
N GLY B 39 -14.00 -1.98 3.68
CA GLY B 39 -13.23 -0.90 4.27
C GLY B 39 -13.34 0.37 3.46
N ASP B 40 -12.43 1.31 3.75
CA ASP B 40 -12.43 2.60 3.09
C ASP B 40 -11.64 2.52 1.80
N VAL B 41 -12.22 3.05 0.72
CA VAL B 41 -11.59 3.09 -0.60
C VAL B 41 -11.85 4.46 -1.20
N ALA B 42 -11.16 4.74 -2.31
CA ALA B 42 -11.38 5.96 -3.08
C ALA B 42 -11.84 5.56 -4.48
N VAL B 43 -12.94 6.16 -4.94
CA VAL B 43 -13.53 5.85 -6.23
C VAL B 43 -13.43 7.09 -7.12
N LYS B 44 -12.82 6.92 -8.31
CA LYS B 44 -12.78 7.96 -9.32
C LYS B 44 -13.66 7.48 -10.46
N MET B 45 -14.85 8.06 -10.58
CA MET B 45 -15.83 7.63 -11.57
C MET B 45 -16.09 8.74 -12.58
N LEU B 46 -16.65 8.36 -13.73
CA LEU B 46 -17.01 9.28 -14.79
C LEU B 46 -18.53 9.38 -14.85
N ASN B 47 -19.07 10.51 -14.37
CA ASN B 47 -20.51 10.70 -14.27
C ASN B 47 -21.08 11.09 -15.63
N VAL B 48 -21.21 10.08 -16.50
CA VAL B 48 -21.87 10.23 -17.79
C VAL B 48 -22.75 9.00 -18.01
N THR B 49 -23.77 9.16 -18.85
CA THR B 49 -24.66 8.05 -19.16
C THR B 49 -24.02 7.07 -20.12
N ALA B 50 -23.48 7.57 -21.23
CA ALA B 50 -22.77 6.75 -22.20
C ALA B 50 -21.38 7.34 -22.41
N PRO B 51 -20.31 6.60 -22.16
CA PRO B 51 -18.97 7.17 -22.30
C PRO B 51 -18.58 7.33 -23.77
N THR B 52 -17.79 8.37 -24.02
CA THR B 52 -17.25 8.63 -25.34
C THR B 52 -16.08 7.70 -25.62
N PRO B 53 -15.71 7.51 -26.90
CA PRO B 53 -14.49 6.73 -27.19
C PRO B 53 -13.26 7.24 -26.49
N GLN B 54 -13.06 8.56 -26.42
CA GLN B 54 -11.93 9.11 -25.69
C GLN B 54 -11.97 8.75 -24.22
N GLN B 55 -13.14 8.90 -23.60
CA GLN B 55 -13.28 8.61 -22.18
C GLN B 55 -13.02 7.12 -21.89
N LEU B 56 -13.61 6.24 -22.71
CA LEU B 56 -13.44 4.81 -22.49
C LEU B 56 -11.99 4.40 -22.72
N GLN B 57 -11.34 4.98 -23.74
CA GLN B 57 -9.94 4.64 -24.02
C GLN B 57 -9.03 5.14 -22.91
N ALA B 58 -9.28 6.34 -22.39
CA ALA B 58 -8.48 6.84 -21.27
C ALA B 58 -8.68 5.97 -20.03
N PHE B 59 -9.92 5.59 -19.75
CA PHE B 59 -10.18 4.67 -18.64
C PHE B 59 -9.41 3.38 -18.79
N LYS B 60 -9.47 2.77 -19.98
CA LYS B 60 -8.79 1.50 -20.21
C LYS B 60 -7.28 1.66 -20.10
N ASN B 61 -6.73 2.76 -20.63
CA ASN B 61 -5.29 2.97 -20.55
C ASN B 61 -4.84 3.10 -19.09
N GLU B 62 -5.54 3.93 -18.31
CA GLU B 62 -5.19 4.10 -16.91
C GLU B 62 -5.32 2.78 -16.15
N VAL B 63 -6.36 2.00 -16.45
CA VAL B 63 -6.55 0.73 -15.75
C VAL B 63 -5.44 -0.25 -16.11
N GLY B 64 -5.05 -0.30 -17.40
CA GLY B 64 -3.97 -1.18 -17.80
C GLY B 64 -2.63 -0.79 -17.23
N VAL B 65 -2.41 0.51 -17.01
CA VAL B 65 -1.18 0.94 -16.35
C VAL B 65 -1.23 0.62 -14.85
N LEU B 66 -2.39 0.79 -14.23
CA LEU B 66 -2.52 0.54 -12.80
C LEU B 66 -2.43 -0.94 -12.47
N ARG B 67 -2.88 -1.81 -13.37
CA ARG B 67 -2.89 -3.25 -13.08
C ARG B 67 -1.51 -3.87 -13.12
N LYS B 68 -0.47 -3.12 -13.47
CA LYS B 68 0.90 -3.61 -13.47
C LYS B 68 1.69 -3.17 -12.24
N THR B 69 1.06 -2.43 -11.32
CA THR B 69 1.76 -1.83 -10.19
C THR B 69 1.42 -2.56 -8.91
N ARG B 70 2.45 -2.99 -8.19
CA ARG B 70 2.34 -3.59 -6.85
C ARG B 70 3.60 -3.15 -6.07
N HIS B 71 3.56 -1.91 -5.59
CA HIS B 71 4.69 -1.36 -4.84
C HIS B 71 4.15 -0.47 -3.72
N VAL B 72 4.88 -0.46 -2.61
CA VAL B 72 4.44 0.27 -1.43
C VAL B 72 4.34 1.77 -1.70
N ASN B 73 5.23 2.30 -2.53
CA ASN B 73 5.27 3.73 -2.81
C ASN B 73 4.49 4.11 -4.06
N ILE B 74 3.62 3.23 -4.53
CA ILE B 74 2.68 3.52 -5.61
C ILE B 74 1.27 3.31 -5.07
N LEU B 75 0.37 4.22 -5.42
CA LEU B 75 -1.00 4.13 -4.93
C LEU B 75 -1.63 2.81 -5.32
N LEU B 76 -2.15 2.09 -4.33
CA LEU B 76 -2.61 0.72 -4.54
C LEU B 76 -3.92 0.72 -5.32
N PHE B 77 -3.84 0.34 -6.59
CA PHE B 77 -5.04 0.05 -7.37
C PHE B 77 -5.71 -1.20 -6.83
N MET B 78 -7.04 -1.20 -6.79
CA MET B 78 -7.79 -2.29 -6.19
C MET B 78 -8.80 -2.93 -7.13
N GLY B 79 -9.18 -2.27 -8.20
CA GLY B 79 -10.18 -2.80 -9.11
C GLY B 79 -10.89 -1.67 -9.81
N TYR B 80 -11.86 -2.05 -10.63
CA TYR B 80 -12.60 -1.08 -11.41
C TYR B 80 -14.02 -1.58 -11.62
N SER B 81 -14.91 -0.65 -11.94
CA SER B 81 -16.29 -0.96 -12.27
C SER B 81 -16.68 -0.24 -13.55
N THR B 82 -17.55 -0.89 -14.33
CA THR B 82 -18.04 -0.33 -15.58
C THR B 82 -19.55 -0.37 -15.72
N LYS B 83 -20.24 -1.25 -15.02
CA LYS B 83 -21.70 -1.36 -15.15
C LYS B 83 -22.42 -0.06 -14.78
N PRO B 84 -22.20 0.55 -13.59
CA PRO B 84 -22.86 1.84 -13.32
C PRO B 84 -22.27 2.95 -14.17
N GLN B 85 -20.94 3.06 -14.15
CA GLN B 85 -20.17 4.04 -14.90
C GLN B 85 -18.72 3.59 -14.86
N LEU B 86 -17.92 4.17 -15.75
CA LEU B 86 -16.48 3.91 -15.70
C LEU B 86 -15.91 4.43 -14.39
N ALA B 87 -15.26 3.55 -13.64
CA ALA B 87 -14.75 3.92 -12.33
C ALA B 87 -13.47 3.13 -12.03
N ILE B 88 -12.57 3.77 -11.30
CA ILE B 88 -11.32 3.16 -10.86
C ILE B 88 -11.24 3.31 -9.35
N VAL B 89 -10.91 2.22 -8.67
CA VAL B 89 -10.91 2.17 -7.21
C VAL B 89 -9.48 1.98 -6.72
N THR B 90 -9.10 2.79 -5.73
CA THR B 90 -7.79 2.69 -5.10
C THR B 90 -7.96 2.69 -3.59
N GLN B 91 -6.86 2.41 -2.89
CA GLN B 91 -6.87 2.42 -1.44
C GLN B 91 -7.19 3.83 -0.92
N TRP B 92 -7.75 3.89 0.28
CA TRP B 92 -8.00 5.16 0.94
C TRP B 92 -6.81 5.50 1.83
N CYS B 93 -6.21 6.65 1.60
CA CYS B 93 -5.04 7.10 2.35
C CYS B 93 -5.42 8.25 3.27
N GLU B 94 -4.90 8.23 4.49
CA GLU B 94 -5.13 9.30 5.45
C GLU B 94 -3.89 10.20 5.49
N GLY B 95 -4.10 11.49 5.30
CA GLY B 95 -3.04 12.46 5.29
C GLY B 95 -3.29 13.52 4.25
N SER B 96 -2.21 14.17 3.81
CA SER B 96 -2.30 15.22 2.81
C SER B 96 -1.14 15.08 1.84
N SER B 97 -1.26 15.78 0.71
CA SER B 97 -0.19 15.76 -0.28
C SER B 97 1.02 16.52 0.22
N LEU B 98 2.18 16.23 -0.38
CA LEU B 98 3.41 16.90 0.02
C LEU B 98 3.33 18.39 -0.25
N TYR B 99 2.67 18.79 -1.34
CA TYR B 99 2.46 20.20 -1.62
C TYR B 99 1.68 20.87 -0.49
N HIS B 100 0.67 20.19 0.05
CA HIS B 100 -0.09 20.76 1.16
C HIS B 100 0.79 20.95 2.39
N HIS B 101 1.63 19.95 2.70
CA HIS B 101 2.50 20.06 3.86
C HIS B 101 3.55 21.15 3.70
N LEU B 102 4.02 21.37 2.47
CA LEU B 102 5.13 22.30 2.25
C LEU B 102 4.66 23.74 2.04
N HIS B 103 3.72 23.95 1.13
CA HIS B 103 3.34 25.30 0.71
C HIS B 103 1.95 25.71 1.12
N ALA B 104 1.11 24.79 1.61
CA ALA B 104 -0.22 25.12 2.07
C ALA B 104 -0.39 24.98 3.56
N SER B 105 0.49 24.22 4.23
CA SER B 105 0.49 24.10 5.68
C SER B 105 1.81 24.52 6.31
N GLU B 106 2.89 24.60 5.53
CA GLU B 106 4.20 25.01 6.02
C GLU B 106 4.67 24.14 7.18
N THR B 107 4.30 22.86 7.16
CA THR B 107 4.75 21.92 8.16
C THR B 107 6.25 21.74 8.05
N LYS B 108 6.94 21.87 9.18
CA LYS B 108 8.40 21.80 9.23
C LYS B 108 8.81 20.41 9.70
N PHE B 109 9.17 19.56 8.73
CA PHE B 109 9.63 18.22 9.02
C PHE B 109 11.08 18.25 9.50
N GLU B 110 11.50 17.14 10.09
CA GLU B 110 12.92 16.98 10.40
C GLU B 110 13.67 16.59 9.13
N MET B 111 14.98 16.87 9.12
CA MET B 111 15.78 16.55 7.95
C MET B 111 15.73 15.07 7.63
N LYS B 112 15.70 14.22 8.66
CA LYS B 112 15.54 12.78 8.44
C LYS B 112 14.25 12.48 7.69
N LYS B 113 13.16 13.20 8.02
CA LYS B 113 11.89 12.94 7.34
C LYS B 113 11.94 13.39 5.89
N LEU B 114 12.57 14.52 5.61
CA LEU B 114 12.75 14.96 4.23
C LEU B 114 13.55 13.94 3.43
N ILE B 115 14.66 13.48 4.00
CA ILE B 115 15.49 12.46 3.34
C ILE B 115 14.66 11.21 3.08
N ASP B 116 13.85 10.79 4.05
CA ASP B 116 13.07 9.58 3.91
C ASP B 116 11.99 9.74 2.85
N ILE B 117 11.36 10.92 2.76
CA ILE B 117 10.37 11.16 1.72
C ILE B 117 11.01 11.11 0.34
N ALA B 118 12.17 11.76 0.20
CA ALA B 118 12.91 11.67 -1.05
C ALA B 118 13.26 10.21 -1.39
N ARG B 119 13.63 9.44 -0.36
CA ARG B 119 14.02 8.05 -0.57
C ARG B 119 12.84 7.21 -1.05
N GLN B 120 11.67 7.38 -0.42
CA GLN B 120 10.49 6.64 -0.83
C GLN B 120 10.04 7.05 -2.23
N THR B 121 10.12 8.34 -2.54
CA THR B 121 9.79 8.79 -3.89
C THR B 121 10.74 8.18 -4.92
N ALA B 122 12.03 8.12 -4.57
CA ALA B 122 13.00 7.48 -5.46
C ALA B 122 12.69 6.01 -5.66
N ARG B 123 12.28 5.32 -4.59
CA ARG B 123 11.88 3.92 -4.71
C ARG B 123 10.72 3.76 -5.68
N GLY B 124 9.66 4.56 -5.48
CA GLY B 124 8.51 4.47 -6.36
C GLY B 124 8.85 4.77 -7.82
N MET B 125 9.65 5.83 -8.05
CA MET B 125 9.98 6.20 -9.41
C MET B 125 10.89 5.17 -10.08
N ASP B 126 11.84 4.61 -9.34
CA ASP B 126 12.68 3.55 -9.89
C ASP B 126 11.86 2.31 -10.21
N TYR B 127 10.87 2.00 -9.35
CA TYR B 127 9.96 0.90 -9.65
C TYR B 127 9.20 1.15 -10.95
N LEU B 128 8.65 2.36 -11.10
CA LEU B 128 7.90 2.68 -12.31
C LEU B 128 8.79 2.62 -13.55
N HIS B 129 10.02 3.14 -13.45
CA HIS B 129 10.93 3.10 -14.58
C HIS B 129 11.35 1.67 -14.91
N ALA B 130 11.42 0.79 -13.90
CA ALA B 130 11.71 -0.62 -14.16
C ALA B 130 10.59 -1.30 -14.94
N LYS B 131 9.37 -0.78 -14.86
CA LYS B 131 8.23 -1.29 -15.60
C LYS B 131 8.04 -0.59 -16.94
N SER B 132 9.03 0.19 -17.37
CA SER B 132 8.94 0.98 -18.60
C SER B 132 7.74 1.91 -18.56
N ILE B 133 7.55 2.59 -17.43
CA ILE B 133 6.45 3.51 -17.21
C ILE B 133 7.05 4.90 -16.99
N ILE B 134 6.81 5.81 -17.92
CA ILE B 134 7.23 7.20 -17.77
C ILE B 134 6.08 7.93 -17.10
N HIS B 135 6.30 8.36 -15.87
CA HIS B 135 5.28 9.11 -15.13
C HIS B 135 5.52 10.59 -15.37
N ARG B 136 4.73 11.17 -16.26
CA ARG B 136 4.80 12.60 -16.49
C ARG B 136 3.98 13.35 -15.44
N ASP B 137 4.32 14.63 -15.25
CA ASP B 137 3.69 15.48 -14.25
C ASP B 137 3.90 14.92 -12.84
N LEU B 138 5.16 14.68 -12.49
CA LEU B 138 5.53 14.32 -11.14
C LEU B 138 5.79 15.61 -10.35
N LYS B 139 5.09 15.77 -9.23
CA LYS B 139 5.21 16.97 -8.43
C LYS B 139 4.81 16.64 -7.00
N SER B 140 4.91 17.65 -6.13
CA SER B 140 4.54 17.46 -4.73
C SER B 140 3.04 17.28 -4.54
N ASN B 141 2.22 17.78 -5.47
CA ASN B 141 0.79 17.51 -5.40
C ASN B 141 0.48 16.05 -5.68
N ASN B 142 1.31 15.39 -6.50
CA ASN B 142 1.11 14.00 -6.87
C ASN B 142 1.82 13.03 -5.95
N ILE B 143 2.35 13.51 -4.83
CA ILE B 143 3.01 12.66 -3.84
C ILE B 143 2.22 12.78 -2.55
N PHE B 144 1.46 11.73 -2.21
CA PHE B 144 0.62 11.72 -1.04
C PHE B 144 1.37 11.13 0.14
N LEU B 145 1.13 11.69 1.32
CA LEU B 145 1.76 11.21 2.56
C LEU B 145 0.70 10.45 3.35
N HIS B 146 0.62 9.14 3.11
CA HIS B 146 -0.27 8.25 3.85
C HIS B 146 0.20 8.19 5.30
N GLU B 147 -0.69 8.58 6.21
CA GLU B 147 -0.40 8.72 7.63
C GLU B 147 0.76 9.66 7.90
N ASP B 148 1.06 10.53 6.92
CA ASP B 148 2.17 11.47 6.95
C ASP B 148 3.53 10.79 7.07
N ASN B 149 3.58 9.48 6.84
CA ASN B 149 4.82 8.72 6.96
C ASN B 149 5.17 7.88 5.74
N THR B 150 4.21 7.52 4.89
CA THR B 150 4.47 6.67 3.73
C THR B 150 4.17 7.43 2.46
N VAL B 151 5.02 7.29 1.46
CA VAL B 151 4.84 7.97 0.19
C VAL B 151 3.97 7.11 -0.71
N LYS B 152 2.95 7.73 -1.32
CA LYS B 152 2.12 7.08 -2.33
C LYS B 152 2.13 7.98 -3.57
N ILE B 153 2.56 7.42 -4.70
CA ILE B 153 2.65 8.17 -5.95
C ILE B 153 1.40 7.89 -6.78
N GLY B 154 0.86 8.94 -7.40
CA GLY B 154 -0.31 8.79 -8.24
C GLY B 154 -0.53 10.05 -9.06
N ASP B 155 -1.43 9.92 -10.02
CA ASP B 155 -1.83 11.04 -10.89
C ASP B 155 -3.11 11.64 -10.32
N PHE B 156 -2.95 12.57 -9.40
CA PHE B 156 -4.09 13.23 -8.76
C PHE B 156 -4.60 14.42 -9.54
N GLY B 157 -3.70 15.22 -10.12
CA GLY B 157 -4.08 16.47 -10.75
C GLY B 157 -4.60 16.33 -12.16
N LEU B 158 -4.91 17.49 -12.75
CA LEU B 158 -5.46 17.58 -14.09
C LEU B 158 -4.35 17.89 -15.09
N ALA B 159 -4.65 17.66 -16.37
CA ALA B 159 -3.73 18.01 -17.43
C ALA B 159 -4.06 19.40 -17.99
N THR B 160 -3.17 19.91 -18.83
CA THR B 160 -3.38 21.21 -19.46
C THR B 160 -4.16 21.02 -20.75
N VAL B 161 -5.28 21.75 -20.87
CA VAL B 161 -6.12 21.71 -22.05
C VAL B 161 -6.28 23.13 -22.56
N LYS B 162 -5.79 23.38 -23.77
CA LYS B 162 -5.94 24.70 -24.38
C LYS B 162 -7.39 24.94 -24.78
N SER B 163 -7.87 26.15 -24.51
CA SER B 163 -9.23 26.50 -24.88
C SER B 163 -9.38 26.56 -26.39
N ARG B 164 -10.46 25.98 -26.90
CA ARG B 164 -10.70 26.00 -28.34
C ARG B 164 -10.82 27.42 -28.88
N TRP B 165 -11.35 28.34 -28.06
CA TRP B 165 -11.52 29.73 -28.45
C TRP B 165 -11.00 30.63 -27.35
N SER B 166 -10.17 31.60 -27.72
CA SER B 166 -9.60 32.54 -26.75
C SER B 166 -10.60 33.64 -26.43
N SER B 168 -7.15 31.83 -22.39
CA SER B 168 -6.30 31.09 -23.31
C SER B 168 -6.18 29.63 -22.92
N HIS B 169 -6.60 29.31 -21.69
CA HIS B 169 -6.52 27.95 -21.18
C HIS B 169 -7.83 27.59 -20.48
N GLN B 170 -8.46 26.50 -20.92
CA GLN B 170 -9.56 25.93 -20.16
C GLN B 170 -9.03 25.19 -18.93
N PHE B 171 -8.14 24.23 -19.15
CA PHE B 171 -7.40 23.59 -18.08
C PHE B 171 -6.00 24.20 -18.00
N GLU B 172 -5.44 24.22 -16.78
CA GLU B 172 -4.07 24.71 -16.66
C GLU B 172 -3.33 24.07 -15.48
N GLN B 173 -3.78 22.93 -14.96
CA GLN B 173 -3.10 22.31 -13.83
C GLN B 173 -1.74 21.76 -14.22
N LEU B 174 -1.60 21.23 -15.44
CA LEU B 174 -0.27 20.84 -15.92
C LEU B 174 0.58 22.06 -16.23
N SER B 175 -0.05 23.19 -16.58
CA SER B 175 0.70 24.44 -16.61
C SER B 175 1.09 24.87 -15.20
N GLY B 176 0.35 24.43 -14.19
CA GLY B 176 0.84 24.52 -12.82
C GLY B 176 2.06 23.67 -12.61
N SER B 177 2.15 22.54 -13.31
CA SER B 177 3.33 21.67 -13.27
C SER B 177 4.42 22.14 -14.22
N ILE B 178 4.29 23.33 -14.81
CA ILE B 178 5.37 23.86 -15.65
C ILE B 178 6.62 24.07 -14.80
N LEU B 179 6.45 24.33 -13.50
CA LEU B 179 7.58 24.47 -12.60
C LEU B 179 8.46 23.23 -12.61
N TRP B 180 7.85 22.06 -12.73
CA TRP B 180 8.57 20.79 -12.76
C TRP B 180 8.93 20.33 -14.16
N MET B 181 8.46 21.02 -15.19
CA MET B 181 8.75 20.61 -16.55
C MET B 181 10.23 20.82 -16.87
N ALA B 182 10.79 19.90 -17.65
CA ALA B 182 12.18 19.97 -18.03
C ALA B 182 12.36 20.89 -19.23
N PRO B 183 13.57 21.41 -19.45
CA PRO B 183 13.77 22.31 -20.60
C PRO B 183 13.43 21.66 -21.94
N GLU B 184 13.77 20.39 -22.13
CA GLU B 184 13.45 19.74 -23.39
C GLU B 184 11.95 19.60 -23.59
N VAL B 185 11.21 19.31 -22.51
CA VAL B 185 9.76 19.21 -22.62
C VAL B 185 9.16 20.57 -22.92
N ILE B 186 9.72 21.63 -22.32
CA ILE B 186 9.21 22.99 -22.54
C ILE B 186 9.45 23.44 -23.98
N ARG B 187 10.63 23.16 -24.53
CA ARG B 187 11.05 23.73 -25.81
C ARG B 187 10.13 23.38 -26.97
N MET B 188 10.10 22.11 -27.37
CA MET B 188 9.45 21.71 -28.61
C MET B 188 8.02 21.19 -28.43
N GLN B 189 7.73 20.47 -27.35
CA GLN B 189 6.38 19.96 -27.10
C GLN B 189 5.89 19.14 -28.29
N ASP B 190 6.75 18.25 -28.78
CA ASP B 190 6.38 17.38 -29.90
C ASP B 190 5.59 16.19 -29.39
N SER B 191 5.48 15.13 -30.20
CA SER B 191 4.75 13.94 -29.78
C SER B 191 5.62 13.19 -28.77
N ASN B 192 5.27 13.31 -27.49
CA ASN B 192 5.98 12.68 -26.38
C ASN B 192 7.43 13.13 -26.33
N PRO B 193 7.70 14.38 -25.92
CA PRO B 193 9.08 14.77 -25.57
C PRO B 193 9.50 14.28 -24.20
N TYR B 194 8.62 13.57 -23.50
CA TYR B 194 8.90 13.08 -22.17
C TYR B 194 9.76 11.83 -22.22
N SER B 195 10.62 11.69 -21.22
CA SER B 195 11.55 10.57 -21.13
C SER B 195 11.75 10.25 -19.66
N PHE B 196 12.51 9.19 -19.39
CA PHE B 196 12.91 8.90 -18.03
C PHE B 196 13.71 10.06 -17.44
N GLN B 197 14.49 10.75 -18.28
CA GLN B 197 15.30 11.87 -17.80
C GLN B 197 14.44 13.07 -17.42
N SER B 198 13.31 13.27 -18.12
CA SER B 198 12.40 14.33 -17.71
C SER B 198 11.81 14.04 -16.34
N ASP B 199 11.52 12.76 -16.06
CA ASP B 199 11.08 12.38 -14.72
C ASP B 199 12.18 12.59 -13.70
N VAL B 200 13.43 12.34 -14.10
CA VAL B 200 14.56 12.62 -13.22
C VAL B 200 14.63 14.10 -12.89
N TYR B 201 14.39 14.96 -13.88
CA TYR B 201 14.38 16.40 -13.64
C TYR B 201 13.24 16.81 -12.72
N ALA B 202 12.05 16.23 -12.93
CA ALA B 202 10.93 16.51 -12.03
C ALA B 202 11.25 16.08 -10.60
N PHE B 203 11.90 14.93 -10.45
CA PHE B 203 12.32 14.50 -9.12
C PHE B 203 13.35 15.45 -8.54
N GLY B 204 14.22 16.01 -9.39
CA GLY B 204 15.15 17.02 -8.91
C GLY B 204 14.46 18.26 -8.40
N ILE B 205 13.40 18.71 -9.10
CA ILE B 205 12.63 19.85 -8.63
C ILE B 205 11.93 19.52 -7.31
N VAL B 206 11.47 18.28 -7.17
CA VAL B 206 10.87 17.84 -5.91
C VAL B 206 11.90 17.87 -4.79
N LEU B 207 13.12 17.40 -5.08
CA LEU B 207 14.21 17.50 -4.12
C LEU B 207 14.47 18.96 -3.74
N TYR B 208 14.39 19.85 -4.72
CA TYR B 208 14.59 21.27 -4.45
C TYR B 208 13.56 21.79 -3.47
N GLU B 209 12.27 21.55 -3.74
CA GLU B 209 11.24 22.04 -2.82
C GLU B 209 11.27 21.30 -1.48
N LEU B 210 11.88 20.11 -1.42
CA LEU B 210 12.03 19.42 -0.15
C LEU B 210 13.15 19.99 0.69
N MET B 211 14.29 20.31 0.08
CA MET B 211 15.47 20.75 0.83
C MET B 211 15.47 22.26 1.08
N THR B 212 14.87 23.04 0.18
CA THR B 212 14.75 24.48 0.40
C THR B 212 13.49 24.84 1.16
N GLY B 213 12.37 24.19 0.84
CA GLY B 213 11.10 24.46 1.47
C GLY B 213 10.18 25.35 0.67
N GLN B 214 10.62 25.85 -0.48
CA GLN B 214 9.84 26.75 -1.30
C GLN B 214 9.94 26.33 -2.76
N LEU B 215 9.08 26.94 -3.59
CA LEU B 215 9.07 26.66 -5.01
C LEU B 215 10.32 27.24 -5.69
N PRO B 216 10.69 26.71 -6.86
CA PRO B 216 11.97 27.12 -7.47
C PRO B 216 12.04 28.61 -7.81
N TYR B 217 10.98 29.17 -8.36
CA TYR B 217 10.98 30.54 -8.87
C TYR B 217 9.90 31.33 -8.13
N SER B 218 10.17 31.66 -6.86
CA SER B 218 9.20 32.41 -6.07
C SER B 218 9.06 33.85 -6.56
N ASN B 219 10.17 34.51 -6.90
CA ASN B 219 10.09 35.90 -7.30
C ASN B 219 9.43 36.08 -8.66
N ILE B 220 9.61 35.13 -9.57
CA ILE B 220 9.03 35.20 -10.90
C ILE B 220 7.60 34.67 -10.85
N ASN B 221 6.64 35.47 -11.31
CA ASN B 221 5.23 35.14 -11.25
C ASN B 221 4.60 34.86 -12.61
N ASN B 222 5.09 35.49 -13.68
CA ASN B 222 4.55 35.26 -15.00
C ASN B 222 4.98 33.91 -15.55
N ARG B 223 4.00 33.10 -15.96
CA ARG B 223 4.30 31.76 -16.46
C ARG B 223 5.10 31.82 -17.77
N ASP B 224 4.78 32.76 -18.64
CA ASP B 224 5.49 32.86 -19.91
C ASP B 224 6.96 33.21 -19.68
N GLN B 225 7.26 34.00 -18.67
CA GLN B 225 8.67 34.30 -18.35
C GLN B 225 9.40 33.02 -17.98
N ILE B 226 8.79 32.18 -17.15
CA ILE B 226 9.41 30.92 -16.76
C ILE B 226 9.61 30.03 -17.98
N ILE B 227 8.58 29.94 -18.84
CA ILE B 227 8.69 29.11 -20.04
C ILE B 227 9.87 29.57 -20.89
N GLU B 228 9.89 30.85 -21.25
CA GLU B 228 10.94 31.35 -22.14
C GLU B 228 12.32 31.21 -21.51
N MET B 229 12.44 31.54 -20.23
CA MET B 229 13.75 31.51 -19.58
C MET B 229 14.28 30.10 -19.43
N VAL B 230 13.44 29.17 -18.98
CA VAL B 230 13.89 27.80 -18.77
C VAL B 230 14.15 27.11 -20.10
N GLY B 231 13.24 27.27 -21.07
CA GLY B 231 13.47 26.67 -22.37
C GLY B 231 14.70 27.21 -23.07
N ARG B 232 14.92 28.53 -22.96
CA ARG B 232 16.14 29.12 -23.51
C ARG B 232 17.38 28.55 -22.82
N GLY B 233 17.31 28.34 -21.51
CA GLY B 233 18.40 27.78 -20.75
C GLY B 233 19.05 28.71 -19.77
N SER B 234 18.53 29.93 -19.61
CA SER B 234 19.12 30.89 -18.68
C SER B 234 18.64 30.70 -17.24
N LEU B 235 17.44 30.15 -17.05
CA LEU B 235 16.83 30.06 -15.73
C LEU B 235 17.01 28.67 -15.14
N SER B 236 17.34 28.63 -13.85
CA SER B 236 17.49 27.40 -13.09
C SER B 236 17.24 27.73 -11.62
N PRO B 237 16.80 26.77 -10.82
CA PRO B 237 16.52 27.06 -9.41
C PRO B 237 17.77 27.49 -8.67
N ASP B 238 17.58 28.41 -7.72
CA ASP B 238 18.68 28.91 -6.90
C ASP B 238 18.93 27.94 -5.76
N LEU B 239 20.06 27.23 -5.83
CA LEU B 239 20.38 26.21 -4.84
C LEU B 239 20.93 26.79 -3.54
N SER B 240 21.12 28.11 -3.47
CA SER B 240 21.47 28.74 -2.20
C SER B 240 20.33 28.72 -1.20
N LYS B 241 19.11 28.36 -1.64
CA LYS B 241 17.96 28.30 -0.76
C LYS B 241 17.90 27.02 0.06
N VAL B 242 18.80 26.07 -0.18
CA VAL B 242 18.81 24.85 0.60
C VAL B 242 19.22 25.17 2.03
N ARG B 243 18.73 24.37 2.97
CA ARG B 243 19.05 24.59 4.36
C ARG B 243 20.51 24.24 4.64
N SER B 244 21.03 24.80 5.73
CA SER B 244 22.43 24.56 6.09
C SER B 244 22.66 23.11 6.48
N ASN B 245 21.68 22.49 7.15
CA ASN B 245 21.80 21.10 7.56
C ASN B 245 21.49 20.13 6.45
N CYS B 246 21.14 20.61 5.27
CA CYS B 246 20.92 19.72 4.13
C CYS B 246 22.24 19.02 3.78
N PRO B 247 22.23 17.70 3.59
CA PRO B 247 23.48 17.00 3.29
C PRO B 247 24.08 17.49 1.98
N LYS B 248 25.42 17.44 1.91
CA LYS B 248 26.12 17.85 0.70
C LYS B 248 25.76 16.94 -0.46
N ARG B 249 25.76 15.62 -0.21
CA ARG B 249 25.41 14.67 -1.26
C ARG B 249 24.01 14.90 -1.78
N MET B 250 23.09 15.31 -0.91
CA MET B 250 21.73 15.62 -1.35
C MET B 250 21.72 16.78 -2.33
N LYS B 251 22.43 17.85 -1.99
CA LYS B 251 22.51 19.01 -2.88
C LYS B 251 23.16 18.65 -4.21
N ARG B 252 24.22 17.84 -4.16
CA ARG B 252 24.90 17.45 -5.39
C ARG B 252 24.01 16.58 -6.27
N LEU B 253 23.30 15.62 -5.68
CA LEU B 253 22.37 14.80 -6.45
C LEU B 253 21.25 15.65 -7.04
N MET B 254 20.72 16.60 -6.26
CA MET B 254 19.68 17.48 -6.76
C MET B 254 20.18 18.31 -7.94
N ALA B 255 21.42 18.79 -7.86
CA ALA B 255 21.99 19.55 -8.97
C ALA B 255 22.22 18.66 -10.19
N GLU B 256 22.58 17.39 -9.98
CA GLU B 256 22.75 16.49 -11.10
C GLU B 256 21.43 16.12 -11.75
N CYS B 257 20.35 16.07 -10.95
CA CYS B 257 19.02 15.80 -11.50
C CYS B 257 18.46 17.00 -12.24
N LEU B 258 18.92 18.21 -11.92
CA LEU B 258 18.45 19.42 -12.57
C LEU B 258 19.37 19.87 -13.70
N LYS B 259 20.11 18.94 -14.30
CA LYS B 259 20.97 19.29 -15.43
C LYS B 259 20.12 19.74 -16.62
N LYS B 260 20.52 20.85 -17.24
CA LYS B 260 19.76 21.36 -18.37
C LYS B 260 19.73 20.38 -19.53
N LYS B 261 20.85 19.69 -19.77
CA LYS B 261 20.91 18.70 -20.84
C LYS B 261 20.19 17.44 -20.39
N ARG B 262 19.44 16.84 -21.33
CA ARG B 262 18.63 15.66 -20.99
C ARG B 262 19.52 14.46 -20.65
N ASP B 263 20.58 14.24 -21.43
CA ASP B 263 21.43 13.06 -21.26
C ASP B 263 22.65 13.31 -20.39
N GLU B 264 22.57 14.28 -19.47
CA GLU B 264 23.62 14.51 -18.50
C GLU B 264 23.19 14.18 -17.08
N ARG B 265 21.94 13.75 -16.89
CA ARG B 265 21.31 13.42 -15.61
C ARG B 265 21.36 11.92 -15.36
N PRO B 266 21.57 11.52 -14.10
CA PRO B 266 21.67 10.10 -13.80
C PRO B 266 20.32 9.40 -13.89
N SER B 267 20.38 8.09 -14.12
CA SER B 267 19.18 7.26 -14.12
C SER B 267 18.70 7.02 -12.69
N PHE B 268 17.44 6.61 -12.57
CA PHE B 268 16.84 6.46 -11.26
C PHE B 268 17.42 5.32 -10.43
N PRO B 269 17.97 4.26 -11.02
CA PRO B 269 18.76 3.32 -10.18
C PRO B 269 19.88 4.02 -9.43
N ARG B 270 20.68 4.83 -10.13
CA ARG B 270 21.77 5.55 -9.47
C ARG B 270 21.23 6.55 -8.45
N ILE B 271 20.11 7.20 -8.76
CA ILE B 271 19.52 8.16 -7.82
C ILE B 271 19.09 7.46 -6.54
N LEU B 272 18.33 6.37 -6.69
CA LEU B 272 17.88 5.61 -5.52
C LEU B 272 19.08 5.08 -4.72
N ALA B 273 20.12 4.62 -5.41
CA ALA B 273 21.30 4.12 -4.71
C ALA B 273 21.95 5.22 -3.88
N GLU B 274 22.13 6.41 -4.49
CA GLU B 274 22.72 7.53 -3.76
C GLU B 274 21.88 7.92 -2.56
N ILE B 275 20.56 8.01 -2.74
CA ILE B 275 19.70 8.45 -1.65
C ILE B 275 19.69 7.41 -0.52
N GLU B 276 19.66 6.12 -0.86
CA GLU B 276 19.66 5.09 0.16
C GLU B 276 20.98 5.06 0.93
N GLU B 277 22.11 5.19 0.21
CA GLU B 277 23.40 5.23 0.87
C GLU B 277 23.54 6.47 1.75
N LEU B 278 22.94 7.58 1.34
CA LEU B 278 22.95 8.78 2.17
C LEU B 278 22.13 8.58 3.43
N ALA B 279 20.91 8.05 3.28
CA ALA B 279 20.02 7.89 4.43
C ALA B 279 20.60 6.90 5.44
N ARG B 280 21.24 5.83 4.96
CA ARG B 280 21.76 4.83 5.88
C ARG B 280 22.97 5.31 6.67
N GLU B 281 23.50 6.50 6.37
CA GLU B 281 24.63 7.06 7.11
C GLU B 281 24.22 8.10 8.14
N LEU B 282 22.92 8.41 8.27
CA LEU B 282 22.46 9.40 9.23
C LEU B 282 21.54 8.84 10.30
N SER B 283 21.01 7.63 10.14
CA SER B 283 20.11 7.05 11.12
C SER B 283 20.83 6.80 12.44
C10 KZP C . 4.33 -13.79 4.69
C13 KZP C . 2.88 -15.00 2.75
N14 KZP C . 2.12 -15.64 1.75
C16 KZP C . 0.17 -14.11 2.05
C30 KZP C . 8.96 -7.95 7.92
C32 KZP C . 8.02 -9.02 6.07
C15 KZP C . 0.74 -15.35 1.67
C01 KZP C . 9.25 -11.24 11.04
C02 KZP C . 9.54 -12.07 9.77
C05 KZP C . 8.00 -11.68 6.43
C06 KZP C . 7.43 -12.35 5.31
C07 KZP C . 6.93 -12.88 4.35
C08 KZP C . 6.27 -13.50 3.25
C09 KZP C . 4.94 -13.95 3.44
C11 KZP C . 3.06 -14.22 4.90
C17 KZP C . -1.18 -13.87 1.96
C18 KZP C . -1.99 -14.86 1.48
C20 KZP C . -1.48 -16.09 1.09
C21 KZP C . -0.11 -16.34 1.17
C22 KZP C . 4.21 -14.58 2.45
C23 KZP C . 4.76 -14.79 1.15
C24 KZP C . 6.05 -14.36 0.93
C25 KZP C . 6.78 -13.72 1.99
C26 KZP C . 8.15 -13.26 1.72
C27 KZP C . 8.23 -10.28 6.70
C28 KZP C . 8.85 -10.22 8.02
N03 KZP C . 8.97 -11.54 8.47
N04 KZP C . 8.46 -12.40 7.50
N12 KZP C . 2.30 -14.84 3.96
N29 KZP C . 9.23 -9.06 8.64
N31 KZP C . 8.38 -7.87 6.68
N33 KZP C . 7.42 -8.94 4.80
CL1 KZP C . -3.67 -14.53 1.37
C10 KZP D . -5.33 9.04 -7.56
C13 KZP D . -4.79 7.77 -9.88
N14 KZP D . -4.51 7.12 -11.09
C16 KZP D . -2.31 6.31 -10.24
C30 KZP D . -7.37 9.93 0.26
C32 KZP D . -7.27 8.60 -1.66
C15 KZP D . -3.19 6.63 -11.30
C01 KZP D . -7.31 14.40 -3.28
C02 KZP D . -8.19 13.46 -2.46
C05 KZP D . -7.70 10.08 -3.86
C06 KZP D . -7.66 9.29 -5.05
C07 KZP D . -7.60 8.64 -6.05
C08 KZP D . -7.45 7.90 -7.26
C09 KZP D . -6.28 8.12 -8.02
C11 KZP D . -4.18 9.27 -8.26
C17 KZP D . -1.03 5.85 -10.47
C18 KZP D . -0.63 5.69 -11.78
C20 KZP D . -1.46 5.99 -12.84
C21 KZP D . -2.75 6.47 -12.61
C22 KZP D . -6.01 7.47 -9.20
C23 KZP D . -6.93 6.51 -9.74
C24 KZP D . -8.08 6.28 -9.03
C25 KZP D . -8.32 6.97 -7.80
C26 KZP D . -9.56 6.70 -7.05
C27 KZP D . -7.54 9.74 -2.46
C28 KZP D . -7.70 10.98 -1.73
N03 KZP D . -7.96 11.97 -2.67
N04 KZP D . -7.95 11.43 -3.93
N12 KZP D . -3.88 8.67 -9.44
N29 KZP D . -7.62 11.10 -0.36
N31 KZP D . -7.19 8.69 -0.32
N33 KZP D . -7.08 7.33 -2.25
CL1 KZP D . 0.97 5.10 -12.05
#